data_1OHL
#
_entry.id   1OHL
#
_cell.length_a   103.200
_cell.length_b   103.200
_cell.length_c   167.700
_cell.angle_alpha   90.00
_cell.angle_beta   90.00
_cell.angle_gamma   90.00
#
_symmetry.space_group_name_H-M   'I 4 2 2'
#
loop_
_entity.id
_entity.type
_entity.pdbx_description
1 polymer 'DELTA-AMINOLEVULINIC ACID DEHYDRATASE'
2 non-polymer 'ZINC ION'
3 non-polymer BETA-MERCAPTOETHANOL
4 non-polymer '3-[5-(AMINOMETHYL)-4-(CARBOXYMETHYL)-1H-PYRROL-3-YL]PROPANOIC ACID'
5 water water
#
_entity_poly.entity_id   1
_entity_poly.type   'polypeptide(L)'
_entity_poly.pdbx_seq_one_letter_code
;MHTAEFLETEPTEISSVLAGGYNHPLLRQWQSERQLTKNMLIFPLFISDNPDDFTEIDSLPNINRIGVNRLKDYLKPLVA
KGLRSVILFGVPLIPGTKDPVGTAADDPAGPVIQGIKFIREYFPELYIICDVCLCEYTSHGHCGVLYDDGTINRERSVSR
LAAVAVNYAKAGAHCVAPSDMIDGRIRDIKRGLINANLAHKTFVLSYAAKFSGNLYGPFRDAACSAPSNGDRKCYQLPPA
GRGLARRALERDMSEGADGIIVKPSTFYLDIMRDASEICKDLPICAYHVSGEYAMLHAAAEKGVVDLKTIAFESHQGFLR
AGARLIITYLAPEFLDWLDEEN
;
_entity_poly.pdbx_strand_id   A
#
# COMPACT_ATOMS: atom_id res chain seq x y z
N MET A 1 53.76 1.77 32.07
CA MET A 1 53.26 1.67 30.71
C MET A 1 51.86 1.09 30.68
N HIS A 2 50.93 1.79 30.01
CA HIS A 2 49.57 1.25 29.95
C HIS A 2 49.55 -0.02 29.10
N THR A 3 49.15 -1.13 29.73
CA THR A 3 49.08 -2.40 29.04
C THR A 3 47.64 -2.91 28.98
N ALA A 4 47.35 -3.77 28.01
CA ALA A 4 46.02 -4.32 27.84
C ALA A 4 45.66 -5.24 29.01
N GLU A 5 44.57 -4.92 29.69
CA GLU A 5 44.13 -5.72 30.83
C GLU A 5 43.04 -6.72 30.40
N PHE A 6 43.14 -7.93 30.94
CA PHE A 6 42.20 -9.00 30.67
C PHE A 6 41.67 -9.56 31.99
N LEU A 7 40.38 -9.39 32.24
CA LEU A 7 39.78 -9.87 33.48
C LEU A 7 39.70 -11.40 33.50
N GLU A 8 39.76 -11.97 34.70
CA GLU A 8 39.68 -13.44 34.82
C GLU A 8 38.27 -13.87 34.37
N THR A 9 38.20 -14.88 33.51
CA THR A 9 36.92 -15.34 33.02
C THR A 9 36.52 -16.71 33.57
N GLU A 10 35.22 -16.95 33.45
CA GLU A 10 34.59 -18.21 33.84
C GLU A 10 34.30 -19.03 32.57
N PRO A 11 34.17 -20.35 32.69
CA PRO A 11 33.88 -21.11 31.47
C PRO A 11 32.67 -20.53 30.75
N THR A 12 32.72 -20.54 29.43
CA THR A 12 31.63 -20.02 28.60
C THR A 12 30.33 -20.74 28.90
N GLU A 13 29.25 -19.96 29.02
CA GLU A 13 27.94 -20.58 29.27
C GLU A 13 27.27 -20.89 27.93
N ILE A 14 26.75 -22.10 27.78
CA ILE A 14 26.11 -22.50 26.53
C ILE A 14 25.02 -21.53 26.10
N SER A 15 24.26 -21.02 27.06
CA SER A 15 23.18 -20.09 26.80
C SER A 15 23.67 -18.77 26.23
N SER A 16 24.96 -18.50 26.29
CA SER A 16 25.50 -17.24 25.79
C SER A 16 25.77 -17.31 24.28
N VAL A 17 26.12 -18.49 23.79
CA VAL A 17 26.46 -18.80 22.44
C VAL A 17 25.34 -18.83 21.45
N LEU A 18 25.25 -17.79 20.62
CA LEU A 18 24.24 -17.67 19.59
C LEU A 18 24.88 -17.70 18.18
N ALA A 19 26.17 -17.42 18.13
CA ALA A 19 26.97 -17.35 16.94
C ALA A 19 26.89 -18.57 16.05
N GLY A 20 26.65 -19.75 16.62
CA GLY A 20 26.57 -20.95 15.80
C GLY A 20 25.43 -20.93 14.79
N GLY A 21 24.49 -20.02 14.97
CA GLY A 21 23.36 -19.94 14.07
C GLY A 21 23.40 -18.97 12.91
N TYR A 22 24.46 -18.17 12.76
CA TYR A 22 24.49 -17.24 11.64
C TYR A 22 25.91 -16.90 11.21
N ASN A 23 26.79 -17.89 11.16
CA ASN A 23 28.18 -17.67 10.77
C ASN A 23 28.39 -17.97 9.28
N HIS A 24 27.31 -18.27 8.57
CA HIS A 24 27.40 -18.59 7.14
C HIS A 24 26.26 -17.89 6.38
N PRO A 25 26.54 -17.48 5.14
CA PRO A 25 25.55 -16.79 4.29
C PRO A 25 24.23 -17.53 4.21
N LEU A 26 24.28 -18.83 3.99
CA LEU A 26 23.05 -19.62 3.90
C LEU A 26 22.26 -19.56 5.20
N LEU A 27 22.98 -19.57 6.32
CA LEU A 27 22.39 -19.52 7.64
C LEU A 27 21.58 -18.24 7.85
N ARG A 28 22.11 -17.12 7.34
CA ARG A 28 21.38 -15.87 7.50
C ARG A 28 20.06 -15.88 6.76
N GLN A 29 19.96 -16.78 5.78
CA GLN A 29 18.75 -16.94 4.98
C GLN A 29 17.76 -17.84 5.74
N TRP A 30 18.33 -18.82 6.44
CA TRP A 30 17.57 -19.79 7.23
C TRP A 30 16.98 -19.11 8.47
N GLN A 31 17.66 -18.06 8.92
CA GLN A 31 17.24 -17.31 10.09
C GLN A 31 16.07 -16.40 9.78
N SER A 32 15.76 -16.21 8.51
CA SER A 32 14.65 -15.34 8.12
C SER A 32 13.31 -16.06 8.33
N GLU A 33 12.36 -15.40 8.99
CA GLU A 33 11.06 -16.01 9.23
C GLU A 33 10.30 -16.21 7.92
N ARG A 34 10.55 -15.31 6.98
CA ARG A 34 9.92 -15.34 5.66
C ARG A 34 10.91 -14.87 4.59
N GLN A 35 10.97 -15.56 3.47
CA GLN A 35 11.89 -15.14 2.41
C GLN A 35 11.14 -14.37 1.33
N LEU A 36 11.76 -13.30 0.84
CA LEU A 36 11.20 -12.43 -0.17
C LEU A 36 11.13 -13.09 -1.54
N THR A 37 9.92 -13.17 -2.10
CA THR A 37 9.69 -13.76 -3.40
C THR A 37 8.96 -12.77 -4.31
N LYS A 38 9.09 -12.93 -5.62
CA LYS A 38 8.48 -12.07 -6.60
C LYS A 38 6.98 -11.96 -6.46
N ASN A 39 6.30 -13.03 -6.07
CA ASN A 39 4.86 -13.00 -5.94
C ASN A 39 4.35 -12.26 -4.73
N MET A 40 5.22 -11.62 -3.95
CA MET A 40 4.72 -10.88 -2.78
C MET A 40 4.63 -9.38 -3.11
N LEU A 41 5.20 -9.04 -4.26
CA LEU A 41 5.26 -7.69 -4.76
C LEU A 41 4.01 -7.21 -5.46
N ILE A 42 3.57 -6.02 -5.05
CA ILE A 42 2.40 -5.36 -5.61
C ILE A 42 2.82 -3.98 -6.12
N PHE A 43 2.77 -3.79 -7.43
CA PHE A 43 3.15 -2.53 -8.06
C PHE A 43 1.99 -1.59 -8.29
N PRO A 44 2.12 -0.38 -7.74
CA PRO A 44 1.06 0.64 -7.91
C PRO A 44 1.06 1.23 -9.31
N LEU A 45 -0.12 1.62 -9.77
CA LEU A 45 -0.29 2.22 -11.09
C LEU A 45 -1.17 3.47 -11.01
N PHE A 46 -0.72 4.54 -11.65
CA PHE A 46 -1.49 5.79 -11.66
C PHE A 46 -2.08 6.01 -13.05
N ILE A 47 -3.31 5.54 -13.24
CA ILE A 47 -4.00 5.66 -14.51
C ILE A 47 -4.64 7.03 -14.69
N SER A 48 -4.27 7.71 -15.78
CA SER A 48 -4.80 9.03 -16.08
C SER A 48 -5.98 8.96 -17.03
N ASP A 49 -6.81 10.01 -17.06
CA ASP A 49 -7.95 10.01 -17.95
C ASP A 49 -7.58 10.38 -19.37
N ASN A 50 -6.28 10.51 -19.60
CA ASN A 50 -5.74 10.77 -20.94
C ASN A 50 -5.01 9.51 -21.43
N PRO A 51 -5.74 8.71 -22.22
CA PRO A 51 -5.28 7.46 -22.78
C PRO A 51 -3.89 7.48 -23.36
N ASP A 52 -3.37 8.64 -23.76
CA ASP A 52 -2.03 8.67 -24.34
C ASP A 52 -1.01 9.23 -23.36
N ASP A 53 -1.38 9.33 -22.10
CA ASP A 53 -0.50 9.85 -21.07
C ASP A 53 0.67 8.93 -20.78
N PHE A 54 1.73 9.55 -20.27
CA PHE A 54 2.97 8.97 -19.84
C PHE A 54 3.90 10.02 -19.24
N THR A 55 3.28 10.82 -18.38
CA THR A 55 3.86 11.91 -17.65
C THR A 55 4.67 11.45 -16.44
N GLU A 56 5.83 12.06 -16.24
CA GLU A 56 6.68 11.71 -15.11
C GLU A 56 6.28 12.49 -13.86
N ILE A 57 6.18 11.80 -12.73
CA ILE A 57 5.82 12.49 -11.49
C ILE A 57 7.10 12.94 -10.77
N ASP A 58 7.30 14.25 -10.74
CA ASP A 58 8.44 14.93 -10.18
C ASP A 58 8.92 14.33 -8.87
N SER A 59 8.06 14.37 -7.87
CA SER A 59 8.35 13.87 -6.53
C SER A 59 8.42 12.36 -6.46
N LEU A 60 8.17 11.66 -7.57
CA LEU A 60 8.22 10.20 -7.55
C LEU A 60 9.15 9.67 -8.63
N PRO A 61 10.42 9.49 -8.24
CA PRO A 61 11.46 8.99 -9.14
C PRO A 61 11.07 7.71 -9.86
N ASN A 62 11.28 7.70 -11.18
CA ASN A 62 11.00 6.61 -12.06
C ASN A 62 9.56 6.18 -12.14
N ILE A 63 8.64 7.01 -11.64
CA ILE A 63 7.22 6.65 -11.71
C ILE A 63 6.46 7.65 -12.57
N ASN A 64 5.50 7.18 -13.35
CA ASN A 64 4.74 8.07 -14.22
C ASN A 64 3.23 7.82 -14.11
N ARG A 65 2.51 8.73 -14.76
CA ARG A 65 1.04 8.72 -14.87
C ARG A 65 0.70 8.18 -16.27
N ILE A 66 0.27 6.93 -16.35
CA ILE A 66 -0.02 6.26 -17.59
C ILE A 66 -1.48 6.27 -18.00
N GLY A 67 -1.68 6.33 -19.31
CA GLY A 67 -3.00 6.29 -19.91
C GLY A 67 -3.16 4.89 -20.47
N VAL A 68 -4.39 4.42 -20.64
CA VAL A 68 -4.71 3.12 -21.13
C VAL A 68 -3.94 2.69 -22.34
N ASN A 69 -3.77 3.57 -23.32
CA ASN A 69 -3.05 3.25 -24.53
C ASN A 69 -1.57 3.03 -24.33
N ARG A 70 -1.05 3.34 -23.16
CA ARG A 70 0.39 3.15 -22.92
C ARG A 70 0.62 2.02 -21.91
N LEU A 71 -0.46 1.44 -21.42
CA LEU A 71 -0.44 0.39 -20.44
C LEU A 71 0.16 -0.91 -20.93
N LYS A 72 -0.23 -1.36 -22.13
CA LYS A 72 0.27 -2.59 -22.68
C LYS A 72 1.78 -2.69 -22.71
N ASP A 73 2.42 -1.74 -23.39
CA ASP A 73 3.86 -1.69 -23.53
C ASP A 73 4.60 -1.50 -22.22
N TYR A 74 3.92 -0.92 -21.24
CA TYR A 74 4.55 -0.69 -19.94
C TYR A 74 4.55 -1.95 -19.08
N LEU A 75 3.42 -2.64 -19.09
CA LEU A 75 3.18 -3.84 -18.35
C LEU A 75 3.84 -5.08 -18.89
N LYS A 76 3.94 -5.24 -20.20
CA LYS A 76 4.53 -6.38 -20.85
C LYS A 76 5.82 -6.86 -20.24
N PRO A 77 6.84 -5.99 -20.19
CA PRO A 77 8.12 -6.39 -19.62
C PRO A 77 8.02 -6.80 -18.16
N LEU A 78 7.29 -6.01 -17.37
CA LEU A 78 7.14 -6.29 -15.95
C LEU A 78 6.52 -7.66 -15.72
N VAL A 79 5.41 -7.92 -16.41
CA VAL A 79 4.73 -9.21 -16.26
C VAL A 79 5.65 -10.35 -16.67
N ALA A 80 6.48 -10.07 -17.68
CA ALA A 80 7.41 -11.08 -18.18
C ALA A 80 8.51 -11.33 -17.13
N LYS A 81 8.78 -10.32 -16.32
CA LYS A 81 9.77 -10.39 -15.26
C LYS A 81 9.22 -11.02 -14.00
N GLY A 82 7.94 -11.36 -14.00
CA GLY A 82 7.34 -11.98 -12.83
C GLY A 82 6.29 -11.21 -12.06
N LEU A 83 5.90 -10.03 -12.54
CA LEU A 83 4.89 -9.26 -11.82
C LEU A 83 3.58 -10.04 -11.74
N ARG A 84 3.05 -10.19 -10.53
CA ARG A 84 1.82 -10.91 -10.31
C ARG A 84 0.66 -10.02 -9.91
N SER A 85 0.93 -8.81 -9.43
CA SER A 85 -0.22 -7.98 -9.03
C SER A 85 0.09 -6.49 -9.11
N VAL A 86 -0.97 -5.72 -9.24
CA VAL A 86 -0.92 -4.28 -9.33
C VAL A 86 -2.07 -3.64 -8.55
N ILE A 87 -1.83 -2.42 -8.07
CA ILE A 87 -2.81 -1.63 -7.34
C ILE A 87 -3.09 -0.33 -8.09
N LEU A 88 -4.33 -0.20 -8.55
CA LEU A 88 -4.80 0.92 -9.32
C LEU A 88 -5.22 2.13 -8.51
N PHE A 89 -4.76 3.26 -9.03
CA PHE A 89 -4.99 4.61 -8.57
C PHE A 89 -5.44 5.48 -9.76
N GLY A 90 -6.63 6.06 -9.66
CA GLY A 90 -7.12 6.89 -10.74
C GLY A 90 -6.72 8.34 -10.61
N VAL A 91 -6.37 8.96 -11.74
CA VAL A 91 -5.98 10.36 -11.75
C VAL A 91 -6.72 11.14 -12.83
N PRO A 92 -8.03 11.33 -12.61
CA PRO A 92 -8.86 12.06 -13.58
C PRO A 92 -8.42 13.53 -13.68
N LEU A 93 -7.90 13.92 -14.83
CA LEU A 93 -7.40 15.26 -15.06
C LEU A 93 -8.42 16.15 -15.75
N ILE A 94 -9.35 15.57 -16.49
CA ILE A 94 -10.36 16.36 -17.19
C ILE A 94 -11.15 17.23 -16.22
N PRO A 95 -11.27 18.52 -16.55
CA PRO A 95 -11.97 19.52 -15.76
C PRO A 95 -13.45 19.21 -15.59
N GLY A 96 -13.99 19.60 -14.44
CA GLY A 96 -15.40 19.37 -14.15
C GLY A 96 -15.70 17.93 -13.79
N THR A 97 -14.67 17.20 -13.40
CA THR A 97 -14.80 15.79 -13.03
C THR A 97 -15.00 15.63 -11.53
N LYS A 98 -14.26 16.41 -10.75
CA LYS A 98 -14.32 16.38 -9.31
C LYS A 98 -15.51 17.13 -8.74
N ASP A 99 -16.11 16.55 -7.71
CA ASP A 99 -17.25 17.12 -7.03
C ASP A 99 -17.29 16.77 -5.56
N PRO A 100 -18.31 17.26 -4.86
CA PRO A 100 -18.50 17.05 -3.43
C PRO A 100 -18.75 15.62 -3.02
N VAL A 101 -19.21 14.75 -3.91
CA VAL A 101 -19.46 13.37 -3.50
C VAL A 101 -18.62 12.37 -4.25
N GLY A 102 -17.58 12.82 -4.94
CA GLY A 102 -16.73 11.91 -5.69
C GLY A 102 -17.45 11.05 -6.70
N THR A 103 -18.38 11.63 -7.43
CA THR A 103 -19.18 10.97 -8.44
C THR A 103 -18.33 10.19 -9.44
N ALA A 104 -17.25 10.79 -9.90
CA ALA A 104 -16.33 10.21 -10.86
C ALA A 104 -15.60 8.99 -10.35
N ALA A 105 -15.58 8.76 -9.05
CA ALA A 105 -14.90 7.63 -8.44
C ALA A 105 -15.18 6.32 -9.14
N ASP A 106 -16.46 6.04 -9.40
CA ASP A 106 -16.83 4.80 -10.07
C ASP A 106 -17.34 5.05 -11.48
N ASP A 107 -16.85 6.11 -12.10
CA ASP A 107 -17.27 6.42 -13.49
C ASP A 107 -16.77 5.30 -14.41
N PRO A 108 -17.70 4.60 -15.05
CA PRO A 108 -17.32 3.50 -15.96
C PRO A 108 -16.34 3.95 -17.04
N ALA A 109 -16.41 5.24 -17.39
CA ALA A 109 -15.52 5.78 -18.42
C ALA A 109 -14.25 6.35 -17.78
N GLY A 110 -14.16 6.26 -16.47
CA GLY A 110 -13.01 6.75 -15.73
C GLY A 110 -11.81 5.83 -15.87
N PRO A 111 -10.63 6.34 -15.49
CA PRO A 111 -9.36 5.64 -15.56
C PRO A 111 -9.32 4.32 -14.82
N VAL A 112 -9.86 4.25 -13.61
CA VAL A 112 -9.82 3.01 -12.86
C VAL A 112 -10.59 1.89 -13.54
N ILE A 113 -11.89 2.09 -13.81
CA ILE A 113 -12.63 1.02 -14.46
C ILE A 113 -12.11 0.73 -15.85
N GLN A 114 -11.64 1.77 -16.54
CA GLN A 114 -11.08 1.57 -17.88
C GLN A 114 -9.81 0.71 -17.77
N GLY A 115 -9.07 0.97 -16.70
CA GLY A 115 -7.84 0.22 -16.45
C GLY A 115 -8.13 -1.23 -16.13
N ILE A 116 -9.17 -1.46 -15.34
CA ILE A 116 -9.55 -2.82 -14.97
C ILE A 116 -9.88 -3.65 -16.22
N LYS A 117 -10.73 -3.07 -17.07
CA LYS A 117 -11.14 -3.74 -18.29
C LYS A 117 -9.95 -4.05 -19.19
N PHE A 118 -9.06 -3.07 -19.37
CA PHE A 118 -7.89 -3.27 -20.20
C PHE A 118 -7.03 -4.42 -19.70
N ILE A 119 -6.66 -4.34 -18.41
CA ILE A 119 -5.83 -5.36 -17.81
C ILE A 119 -6.47 -6.73 -17.85
N ARG A 120 -7.75 -6.84 -17.51
CA ARG A 120 -8.42 -8.13 -17.52
C ARG A 120 -8.38 -8.77 -18.91
N GLU A 121 -8.23 -7.92 -19.93
CA GLU A 121 -8.19 -8.35 -21.31
C GLU A 121 -6.78 -8.64 -21.81
N TYR A 122 -5.86 -7.71 -21.61
CA TYR A 122 -4.49 -7.87 -22.05
C TYR A 122 -3.62 -8.67 -21.13
N PHE A 123 -3.89 -8.63 -19.82
CA PHE A 123 -3.08 -9.38 -18.86
C PHE A 123 -3.98 -10.12 -17.87
N PRO A 124 -4.73 -11.08 -18.42
CA PRO A 124 -5.69 -11.93 -17.72
C PRO A 124 -5.16 -12.64 -16.51
N GLU A 125 -3.85 -12.86 -16.40
CA GLU A 125 -3.32 -13.57 -15.24
C GLU A 125 -2.89 -12.65 -14.13
N LEU A 126 -2.90 -11.34 -14.38
CA LEU A 126 -2.50 -10.36 -13.36
C LEU A 126 -3.60 -10.19 -12.32
N TYR A 127 -3.21 -10.08 -11.04
CA TYR A 127 -4.18 -9.88 -9.96
C TYR A 127 -4.43 -8.37 -9.81
N ILE A 128 -5.67 -7.94 -9.99
CA ILE A 128 -6.03 -6.55 -9.93
C ILE A 128 -6.59 -6.07 -8.62
N ILE A 129 -5.86 -5.15 -7.99
CA ILE A 129 -6.28 -4.55 -6.72
C ILE A 129 -6.63 -3.07 -6.98
N CYS A 130 -7.73 -2.60 -6.40
CA CYS A 130 -8.09 -1.20 -6.62
C CYS A 130 -8.15 -0.43 -5.32
N ASP A 131 -7.44 0.70 -5.25
CA ASP A 131 -7.53 1.47 -3.99
C ASP A 131 -8.93 2.09 -3.94
N VAL A 132 -9.59 2.07 -2.78
CA VAL A 132 -10.93 2.66 -2.72
C VAL A 132 -10.94 3.90 -1.83
N CYS A 133 -11.26 5.03 -2.44
CA CYS A 133 -11.34 6.31 -1.76
C CYS A 133 -11.97 7.38 -2.64
N LEU A 134 -12.26 8.53 -2.04
CA LEU A 134 -12.88 9.63 -2.76
C LEU A 134 -11.95 10.83 -2.88
N CYS A 135 -10.88 10.88 -2.11
CA CYS A 135 -9.93 11.95 -2.10
C CYS A 135 -9.50 12.42 -3.47
N GLU A 136 -9.26 11.51 -4.41
CA GLU A 136 -8.84 11.90 -5.75
C GLU A 136 -10.00 12.31 -6.63
N TYR A 137 -11.23 12.23 -6.14
CA TYR A 137 -12.38 12.58 -6.96
C TYR A 137 -13.23 13.66 -6.32
N THR A 138 -12.86 14.10 -5.12
CA THR A 138 -13.64 15.14 -4.44
C THR A 138 -13.06 16.52 -4.73
N SER A 139 -13.93 17.53 -4.81
CA SER A 139 -13.46 18.89 -5.07
C SER A 139 -12.68 19.42 -3.87
N HIS A 140 -13.00 18.91 -2.69
CA HIS A 140 -12.36 19.33 -1.46
C HIS A 140 -11.10 18.53 -1.17
N GLY A 141 -10.88 17.43 -1.87
CA GLY A 141 -9.70 16.62 -1.66
C GLY A 141 -9.70 15.70 -0.48
N HIS A 142 -10.83 15.57 0.22
CA HIS A 142 -10.89 14.69 1.38
C HIS A 142 -11.33 13.29 0.98
N CYS A 143 -11.02 12.31 1.82
CA CYS A 143 -11.31 10.92 1.65
C CYS A 143 -12.77 10.56 1.65
N GLY A 144 -13.66 11.39 2.21
CA GLY A 144 -15.07 11.03 2.19
C GLY A 144 -16.00 12.21 2.03
N VAL A 145 -17.31 11.95 2.12
CA VAL A 145 -18.29 13.04 2.00
C VAL A 145 -18.28 13.88 3.28
N LEU A 146 -18.25 15.21 3.14
CA LEU A 146 -18.20 16.08 4.29
C LEU A 146 -19.52 16.70 4.68
N TYR A 147 -19.49 17.16 5.93
CA TYR A 147 -20.60 17.89 6.56
C TYR A 147 -20.42 19.38 6.20
N ASP A 148 -21.43 20.23 6.41
CA ASP A 148 -21.27 21.63 6.06
C ASP A 148 -20.10 22.28 6.79
N ASP A 149 -19.83 21.80 8.00
CA ASP A 149 -18.74 22.33 8.82
C ASP A 149 -17.38 21.91 8.29
N GLY A 150 -17.35 20.95 7.38
CA GLY A 150 -16.08 20.50 6.84
C GLY A 150 -15.61 19.20 7.47
N THR A 151 -16.35 18.73 8.47
CA THR A 151 -15.99 17.48 9.14
C THR A 151 -16.56 16.28 8.39
N ILE A 152 -15.87 15.15 8.46
CA ILE A 152 -16.27 13.94 7.80
C ILE A 152 -17.67 13.49 8.18
N ASN A 153 -18.42 13.04 7.18
CA ASN A 153 -19.78 12.54 7.38
C ASN A 153 -19.78 11.02 7.16
N ARG A 154 -19.53 10.29 8.22
CA ARG A 154 -19.45 8.85 8.28
C ARG A 154 -20.47 8.12 7.45
N GLU A 155 -21.75 8.23 7.81
CA GLU A 155 -22.83 7.58 7.12
C GLU A 155 -22.81 7.74 5.62
N ARG A 156 -22.86 8.99 5.14
CA ARG A 156 -22.87 9.23 3.70
C ARG A 156 -21.58 8.74 3.04
N SER A 157 -20.47 8.89 3.77
CA SER A 157 -19.18 8.49 3.28
C SER A 157 -19.08 7.00 3.02
N VAL A 158 -19.33 6.19 4.05
CA VAL A 158 -19.25 4.74 3.88
C VAL A 158 -20.26 4.23 2.87
N SER A 159 -21.38 4.95 2.77
CA SER A 159 -22.43 4.58 1.82
C SER A 159 -21.94 4.74 0.39
N ARG A 160 -21.18 5.82 0.18
CA ARG A 160 -20.61 6.15 -1.12
C ARG A 160 -19.41 5.24 -1.42
N LEU A 161 -18.58 5.03 -0.41
CA LEU A 161 -17.40 4.19 -0.53
C LEU A 161 -17.78 2.76 -0.85
N ALA A 162 -18.84 2.26 -0.20
CA ALA A 162 -19.29 0.89 -0.44
C ALA A 162 -19.72 0.73 -1.89
N ALA A 163 -20.42 1.74 -2.40
CA ALA A 163 -20.88 1.71 -3.80
C ALA A 163 -19.69 1.63 -4.75
N VAL A 164 -18.70 2.48 -4.51
CA VAL A 164 -17.50 2.54 -5.33
C VAL A 164 -16.79 1.18 -5.36
N ALA A 165 -16.55 0.62 -4.18
CA ALA A 165 -15.88 -0.66 -4.06
C ALA A 165 -16.62 -1.76 -4.81
N VAL A 166 -17.94 -1.81 -4.64
CA VAL A 166 -18.72 -2.84 -5.32
C VAL A 166 -18.67 -2.65 -6.83
N ASN A 167 -18.68 -1.39 -7.26
CA ASN A 167 -18.62 -1.07 -8.67
C ASN A 167 -17.31 -1.49 -9.29
N TYR A 168 -16.21 -1.32 -8.56
CA TYR A 168 -14.91 -1.74 -9.10
C TYR A 168 -14.91 -3.27 -9.27
N ALA A 169 -15.46 -3.94 -8.26
CA ALA A 169 -15.55 -5.40 -8.29
C ALA A 169 -16.46 -5.83 -9.45
N LYS A 170 -17.51 -5.04 -9.66
CA LYS A 170 -18.45 -5.36 -10.75
C LYS A 170 -17.73 -5.21 -12.10
N ALA A 171 -16.81 -4.25 -12.15
CA ALA A 171 -16.05 -4.00 -13.36
C ALA A 171 -15.03 -5.11 -13.61
N GLY A 172 -14.68 -5.83 -12.54
CA GLY A 172 -13.72 -6.91 -12.68
C GLY A 172 -12.55 -6.91 -11.72
N ALA A 173 -12.50 -5.95 -10.80
CA ALA A 173 -11.37 -5.93 -9.85
C ALA A 173 -11.43 -7.17 -8.96
N HIS A 174 -10.28 -7.81 -8.76
CA HIS A 174 -10.25 -9.00 -7.92
C HIS A 174 -10.27 -8.61 -6.44
N CYS A 175 -9.69 -7.45 -6.15
CA CYS A 175 -9.62 -7.03 -4.74
C CYS A 175 -9.78 -5.53 -4.60
N VAL A 176 -10.36 -5.13 -3.47
CA VAL A 176 -10.59 -3.73 -3.14
C VAL A 176 -9.85 -3.36 -1.85
N ALA A 177 -9.17 -2.22 -1.87
CA ALA A 177 -8.42 -1.73 -0.72
C ALA A 177 -8.84 -0.34 -0.30
N PRO A 178 -9.81 -0.25 0.64
CA PRO A 178 -10.28 1.06 1.12
C PRO A 178 -9.20 1.75 1.95
N SER A 179 -8.73 2.90 1.48
CA SER A 179 -7.70 3.65 2.18
C SER A 179 -8.23 4.94 2.80
N ASP A 180 -9.54 5.04 2.92
CA ASP A 180 -10.22 6.20 3.47
C ASP A 180 -9.98 6.37 4.96
N MET A 181 -10.02 5.26 5.71
CA MET A 181 -9.82 5.28 7.14
C MET A 181 -11.02 5.82 7.89
N ILE A 182 -12.20 5.75 7.27
CA ILE A 182 -13.43 6.23 7.91
C ILE A 182 -14.12 5.09 8.66
N ASP A 183 -14.51 5.35 9.90
CA ASP A 183 -15.14 4.43 10.81
C ASP A 183 -16.20 3.54 10.18
N GLY A 184 -15.98 2.23 10.29
CA GLY A 184 -16.87 1.22 9.82
C GLY A 184 -17.10 1.01 8.33
N ARG A 185 -16.25 1.58 7.48
CA ARG A 185 -16.44 1.42 6.05
C ARG A 185 -16.26 -0.03 5.61
N ILE A 186 -15.44 -0.79 6.32
CA ILE A 186 -15.21 -2.19 5.95
C ILE A 186 -16.50 -2.98 6.00
N ARG A 187 -17.29 -2.78 7.05
CA ARG A 187 -18.56 -3.50 7.20
C ARG A 187 -19.51 -3.21 6.05
N ASP A 188 -19.65 -1.95 5.68
CA ASP A 188 -20.56 -1.57 4.60
C ASP A 188 -20.08 -2.11 3.26
N ILE A 189 -18.77 -2.10 3.04
CA ILE A 189 -18.21 -2.61 1.79
C ILE A 189 -18.44 -4.12 1.69
N LYS A 190 -18.18 -4.82 2.79
CA LYS A 190 -18.38 -6.28 2.80
C LYS A 190 -19.85 -6.62 2.55
N ARG A 191 -20.74 -5.90 3.23
CA ARG A 191 -22.18 -6.13 3.07
C ARG A 191 -22.60 -5.83 1.64
N GLY A 192 -22.03 -4.78 1.08
CA GLY A 192 -22.35 -4.40 -0.30
C GLY A 192 -21.94 -5.51 -1.25
N LEU A 193 -20.74 -6.05 -1.05
CA LEU A 193 -20.26 -7.13 -1.92
C LEU A 193 -21.14 -8.37 -1.76
N ILE A 194 -21.61 -8.59 -0.53
CA ILE A 194 -22.47 -9.75 -0.28
C ILE A 194 -23.78 -9.62 -1.06
N ASN A 195 -24.36 -8.42 -0.99
CA ASN A 195 -25.62 -8.13 -1.67
C ASN A 195 -25.44 -8.16 -3.19
N ALA A 196 -24.23 -7.89 -3.65
CA ALA A 196 -23.97 -7.92 -5.09
C ALA A 196 -23.50 -9.30 -5.54
N ASN A 197 -23.45 -10.23 -4.60
CA ASN A 197 -23.02 -11.60 -4.87
C ASN A 197 -21.60 -11.63 -5.40
N LEU A 198 -20.73 -10.84 -4.77
CA LEU A 198 -19.33 -10.79 -5.19
C LEU A 198 -18.38 -10.99 -4.03
N ALA A 199 -18.91 -11.21 -2.83
CA ALA A 199 -18.09 -11.40 -1.66
C ALA A 199 -17.25 -12.65 -1.72
N HIS A 200 -17.66 -13.66 -2.49
CA HIS A 200 -16.87 -14.89 -2.58
C HIS A 200 -15.74 -14.77 -3.60
N LYS A 201 -15.76 -13.71 -4.41
CA LYS A 201 -14.70 -13.53 -5.40
C LYS A 201 -13.90 -12.27 -5.18
N THR A 202 -14.28 -11.46 -4.19
CA THR A 202 -13.55 -10.23 -3.96
C THR A 202 -12.80 -10.20 -2.64
N PHE A 203 -11.49 -10.01 -2.75
CA PHE A 203 -10.64 -9.95 -1.55
C PHE A 203 -10.70 -8.52 -0.98
N VAL A 204 -11.00 -8.41 0.31
CA VAL A 204 -11.05 -7.07 0.91
C VAL A 204 -9.76 -6.79 1.69
N LEU A 205 -8.93 -5.96 1.10
CA LEU A 205 -7.63 -5.57 1.67
C LEU A 205 -7.75 -4.20 2.32
N SER A 206 -8.07 -4.21 3.61
CA SER A 206 -8.27 -2.99 4.34
C SER A 206 -7.03 -2.29 4.82
N TYR A 207 -7.02 -0.97 4.62
CA TYR A 207 -5.88 -0.20 5.17
C TYR A 207 -6.27 0.05 6.66
N ALA A 208 -6.27 -1.04 7.40
CA ALA A 208 -6.64 -1.06 8.81
C ALA A 208 -5.82 -0.08 9.63
N ALA A 209 -4.52 -0.06 9.37
CA ALA A 209 -3.64 0.83 10.12
C ALA A 209 -2.93 1.83 9.20
N LYS A 210 -3.58 2.96 9.00
CA LYS A 210 -3.07 4.06 8.18
C LYS A 210 -2.89 5.32 9.05
N PHE A 211 -1.64 5.64 9.33
CA PHE A 211 -1.30 6.78 10.16
C PHE A 211 -1.11 8.07 9.37
N SER A 212 -1.38 9.18 10.06
CA SER A 212 -1.17 10.49 9.41
C SER A 212 0.31 10.86 9.58
N GLY A 213 0.90 11.47 8.56
CA GLY A 213 2.31 11.83 8.69
C GLY A 213 2.82 12.75 7.60
N ASN A 214 4.15 12.85 7.55
CA ASN A 214 4.90 13.67 6.62
C ASN A 214 5.47 12.83 5.48
N LEU A 215 4.96 11.62 5.27
CA LEU A 215 5.48 10.75 4.24
C LEU A 215 4.55 10.50 3.09
N TYR A 216 3.48 11.27 2.91
CA TYR A 216 2.57 11.01 1.79
C TYR A 216 2.72 12.07 0.70
N GLY A 217 3.70 12.96 0.88
CA GLY A 217 3.97 14.02 -0.05
C GLY A 217 3.93 13.72 -1.53
N PRO A 218 4.96 13.05 -2.04
CA PRO A 218 5.08 12.71 -3.45
C PRO A 218 3.80 12.13 -4.04
N PHE A 219 3.04 11.39 -3.26
CA PHE A 219 1.81 10.78 -3.74
C PHE A 219 0.80 11.84 -4.18
N ARG A 220 0.74 12.94 -3.43
CA ARG A 220 -0.18 14.02 -3.73
C ARG A 220 0.15 14.70 -5.05
N ASP A 221 1.30 14.37 -5.61
CA ASP A 221 1.73 14.94 -6.89
C ASP A 221 1.34 14.05 -8.05
N ALA A 222 1.46 12.74 -7.84
CA ALA A 222 1.15 11.74 -8.83
C ALA A 222 -0.35 11.57 -9.03
N ALA A 223 -1.15 11.83 -8.01
CA ALA A 223 -2.59 11.68 -8.11
C ALA A 223 -3.34 12.96 -7.82
N CYS A 224 -2.64 14.03 -7.47
CA CYS A 224 -3.25 15.31 -7.15
C CYS A 224 -4.37 15.18 -6.13
N SER A 225 -4.15 14.38 -5.09
CA SER A 225 -5.17 14.20 -4.05
C SER A 225 -4.73 14.82 -2.73
N ALA A 226 -4.62 16.14 -2.71
CA ALA A 226 -4.21 16.87 -1.51
C ALA A 226 -5.41 17.49 -0.82
N PRO A 227 -5.42 17.46 0.53
CA PRO A 227 -6.52 18.02 1.30
C PRO A 227 -6.71 19.51 1.05
N SER A 228 -7.94 19.97 1.29
CA SER A 228 -8.31 21.36 1.10
C SER A 228 -9.14 21.87 2.27
N ASN A 229 -8.56 22.79 3.04
CA ASN A 229 -9.25 23.36 4.19
C ASN A 229 -8.94 22.56 5.45
N GLY A 230 -7.76 21.96 5.50
CA GLY A 230 -7.38 21.18 6.66
C GLY A 230 -6.55 19.96 6.31
N ASP A 231 -6.32 19.11 7.32
CA ASP A 231 -5.54 17.89 7.12
C ASP A 231 -6.40 16.65 7.40
N ARG A 232 -5.79 15.47 7.28
CA ARG A 232 -6.50 14.23 7.51
C ARG A 232 -6.28 13.70 8.93
N LYS A 233 -5.79 14.56 9.81
CA LYS A 233 -5.51 14.21 11.18
C LYS A 233 -6.71 13.75 11.96
N CYS A 234 -7.91 13.89 11.42
CA CYS A 234 -9.09 13.46 12.16
C CYS A 234 -9.54 12.07 11.79
N TYR A 235 -9.10 11.55 10.64
CA TYR A 235 -9.45 10.19 10.28
C TYR A 235 -8.23 9.27 10.30
N GLN A 236 -7.10 9.76 9.78
CA GLN A 236 -5.89 8.93 9.82
C GLN A 236 -5.35 8.90 11.24
N LEU A 237 -4.86 7.75 11.69
CA LEU A 237 -4.35 7.57 13.03
C LEU A 237 -3.17 8.46 13.36
N PRO A 238 -3.15 8.92 14.62
CA PRO A 238 -2.01 9.77 15.06
C PRO A 238 -0.76 8.88 15.21
N PRO A 239 0.39 9.39 14.79
CA PRO A 239 1.65 8.66 14.85
C PRO A 239 1.91 8.01 16.19
N ALA A 240 1.43 8.59 17.29
CA ALA A 240 1.64 8.03 18.60
C ALA A 240 0.52 7.08 19.03
N GLY A 241 -0.56 7.01 18.27
CA GLY A 241 -1.67 6.15 18.59
C GLY A 241 -1.61 4.66 18.41
N ARG A 242 -0.90 3.95 19.28
CA ARG A 242 -0.80 2.51 19.16
C ARG A 242 -2.12 1.84 19.56
N GLY A 243 -2.74 2.30 20.64
CA GLY A 243 -4.00 1.74 21.10
C GLY A 243 -5.08 1.82 20.05
N LEU A 244 -5.20 2.97 19.41
CA LEU A 244 -6.21 3.16 18.36
C LEU A 244 -5.92 2.25 17.17
N ALA A 245 -4.64 2.14 16.84
CA ALA A 245 -4.24 1.29 15.71
C ALA A 245 -4.62 -0.17 15.99
N ARG A 246 -4.34 -0.61 17.22
CA ARG A 246 -4.69 -1.98 17.58
C ARG A 246 -6.20 -2.19 17.53
N ARG A 247 -6.94 -1.18 17.98
CA ARG A 247 -8.40 -1.27 17.96
C ARG A 247 -8.92 -1.24 16.53
N ALA A 248 -8.25 -0.47 15.66
CA ALA A 248 -8.67 -0.39 14.26
C ALA A 248 -8.43 -1.73 13.56
N LEU A 249 -7.33 -2.39 13.91
CA LEU A 249 -7.01 -3.68 13.30
C LEU A 249 -8.07 -4.72 13.67
N GLU A 250 -8.40 -4.80 14.96
CA GLU A 250 -9.40 -5.74 15.43
C GLU A 250 -10.76 -5.45 14.80
N ARG A 251 -11.09 -4.17 14.71
CA ARG A 251 -12.35 -3.74 14.13
C ARG A 251 -12.48 -4.18 12.68
N ASP A 252 -11.52 -3.79 11.85
CA ASP A 252 -11.54 -4.14 10.45
C ASP A 252 -11.61 -5.63 10.22
N MET A 253 -10.86 -6.38 11.01
CA MET A 253 -10.86 -7.85 10.90
C MET A 253 -12.28 -8.38 11.15
N SER A 254 -12.85 -7.91 12.25
CA SER A 254 -14.19 -8.29 12.65
C SER A 254 -15.24 -7.86 11.63
N GLU A 255 -14.97 -6.80 10.88
CA GLU A 255 -15.88 -6.30 9.88
C GLU A 255 -15.79 -7.02 8.55
N GLY A 256 -14.92 -8.02 8.42
CA GLY A 256 -14.83 -8.73 7.16
C GLY A 256 -13.57 -8.62 6.34
N ALA A 257 -12.57 -7.87 6.79
CA ALA A 257 -11.34 -7.75 6.00
C ALA A 257 -10.67 -9.11 5.81
N ASP A 258 -10.19 -9.36 4.60
CA ASP A 258 -9.53 -10.62 4.27
C ASP A 258 -8.03 -10.53 4.48
N GLY A 259 -7.56 -9.29 4.51
CA GLY A 259 -6.15 -9.00 4.71
C GLY A 259 -6.03 -7.56 5.16
N ILE A 260 -4.88 -7.17 5.71
CA ILE A 260 -4.78 -5.78 6.14
C ILE A 260 -3.49 -5.14 5.65
N ILE A 261 -3.54 -3.82 5.48
CA ILE A 261 -2.38 -3.08 5.02
C ILE A 261 -1.92 -2.09 6.10
N VAL A 262 -0.61 -2.05 6.31
CA VAL A 262 -0.03 -1.11 7.28
C VAL A 262 0.69 -0.02 6.46
N LYS A 263 0.28 1.23 6.67
CA LYS A 263 0.86 2.36 5.94
C LYS A 263 1.06 3.54 6.88
N PRO A 264 2.27 4.13 6.94
CA PRO A 264 3.49 3.77 6.21
C PRO A 264 4.02 2.41 6.63
N SER A 265 5.20 2.05 6.13
CA SER A 265 5.80 0.76 6.43
C SER A 265 6.94 0.84 7.42
N THR A 266 8.13 1.18 6.94
CA THR A 266 9.33 1.29 7.74
C THR A 266 9.12 2.09 9.02
N PHE A 267 8.48 3.24 8.91
CA PHE A 267 8.23 4.07 10.07
C PHE A 267 7.18 3.51 11.00
N TYR A 268 6.57 2.39 10.64
CA TYR A 268 5.55 1.78 11.49
C TYR A 268 5.73 0.29 11.62
N LEU A 269 6.98 -0.18 11.62
CA LEU A 269 7.27 -1.60 11.73
C LEU A 269 6.70 -2.20 13.00
N ASP A 270 6.65 -1.43 14.08
CA ASP A 270 6.11 -1.97 15.34
C ASP A 270 4.61 -2.27 15.19
N ILE A 271 3.92 -1.46 14.40
CA ILE A 271 2.49 -1.68 14.18
C ILE A 271 2.27 -2.93 13.34
N MET A 272 3.23 -3.20 12.47
CA MET A 272 3.15 -4.39 11.60
C MET A 272 3.25 -5.64 12.49
N ARG A 273 4.12 -5.53 13.49
CA ARG A 273 4.33 -6.61 14.45
C ARG A 273 3.08 -6.81 15.29
N ASP A 274 2.45 -5.69 15.66
CA ASP A 274 1.21 -5.77 16.46
C ASP A 274 0.12 -6.46 15.64
N ALA A 275 0.06 -6.10 14.36
CA ALA A 275 -0.91 -6.64 13.41
C ALA A 275 -0.69 -8.12 13.17
N SER A 276 0.57 -8.55 13.21
CA SER A 276 0.88 -9.95 12.98
C SER A 276 0.40 -10.83 14.13
N GLU A 277 0.12 -10.19 15.27
CA GLU A 277 -0.36 -10.94 16.44
C GLU A 277 -1.90 -10.88 16.48
N ILE A 278 -2.43 -9.68 16.32
CA ILE A 278 -3.88 -9.48 16.33
C ILE A 278 -4.52 -10.18 15.13
N CYS A 279 -3.98 -9.90 13.94
CA CYS A 279 -4.50 -10.49 12.70
C CYS A 279 -3.60 -11.63 12.23
N LYS A 280 -3.25 -12.52 13.14
CA LYS A 280 -2.39 -13.66 12.87
C LYS A 280 -2.89 -14.56 11.77
N ASP A 281 -4.21 -14.72 11.62
CA ASP A 281 -4.73 -15.60 10.59
C ASP A 281 -4.94 -14.91 9.25
N LEU A 282 -4.61 -13.64 9.13
CA LEU A 282 -4.82 -12.94 7.87
C LEU A 282 -3.50 -12.45 7.27
N PRO A 283 -3.43 -12.37 5.94
CA PRO A 283 -2.20 -11.89 5.30
C PRO A 283 -1.99 -10.40 5.60
N ILE A 284 -0.78 -10.05 6.03
CA ILE A 284 -0.47 -8.64 6.33
C ILE A 284 0.37 -8.04 5.21
N CYS A 285 -0.02 -6.86 4.77
CA CYS A 285 0.69 -6.19 3.68
C CYS A 285 1.32 -4.88 4.11
N ALA A 286 2.55 -4.67 3.68
CA ALA A 286 3.27 -3.43 4.01
C ALA A 286 3.22 -2.49 2.80
N TYR A 287 2.92 -1.21 3.06
CA TYR A 287 2.88 -0.25 1.95
C TYR A 287 4.04 0.73 2.06
N HIS A 288 5.03 0.57 1.18
CA HIS A 288 6.20 1.48 1.17
C HIS A 288 5.78 2.75 0.42
N VAL A 289 5.30 3.73 1.17
CA VAL A 289 4.82 5.00 0.71
C VAL A 289 5.83 5.85 -0.01
N SER A 290 5.29 6.75 -0.84
CA SER A 290 6.03 7.68 -1.65
C SER A 290 7.12 8.39 -0.86
N GLY A 291 6.79 8.88 0.33
CA GLY A 291 7.76 9.57 1.15
C GLY A 291 8.92 8.69 1.55
N GLU A 292 8.63 7.45 1.94
CA GLU A 292 9.69 6.53 2.35
C GLU A 292 10.57 6.16 1.14
N TYR A 293 9.89 5.92 0.03
CA TYR A 293 10.53 5.56 -1.24
C TYR A 293 11.43 6.70 -1.73
N ALA A 294 10.87 7.91 -1.71
CA ALA A 294 11.63 9.08 -2.15
C ALA A 294 12.77 9.37 -1.16
N MET A 295 12.54 9.02 0.10
CA MET A 295 13.58 9.25 1.11
C MET A 295 14.79 8.37 0.82
N LEU A 296 14.54 7.11 0.46
CA LEU A 296 15.65 6.20 0.15
C LEU A 296 16.44 6.71 -1.05
N HIS A 297 15.72 7.14 -2.08
CA HIS A 297 16.36 7.66 -3.28
C HIS A 297 17.24 8.86 -2.96
N ALA A 298 16.69 9.81 -2.20
CA ALA A 298 17.44 11.01 -1.83
C ALA A 298 18.73 10.63 -1.09
N ALA A 299 18.60 9.81 -0.06
CA ALA A 299 19.74 9.37 0.73
C ALA A 299 20.77 8.67 -0.15
N ALA A 300 20.27 7.90 -1.11
CA ALA A 300 21.16 7.18 -2.03
C ALA A 300 21.97 8.18 -2.86
N GLU A 301 21.28 9.16 -3.44
CA GLU A 301 21.96 10.17 -4.25
C GLU A 301 23.01 10.91 -3.43
N LYS A 302 22.67 11.15 -2.17
CA LYS A 302 23.58 11.86 -1.26
C LYS A 302 24.73 10.95 -0.85
N GLY A 303 24.63 9.68 -1.24
CA GLY A 303 25.66 8.71 -0.91
C GLY A 303 25.61 8.23 0.52
N VAL A 304 24.49 8.52 1.19
CA VAL A 304 24.34 8.09 2.59
C VAL A 304 24.20 6.58 2.67
N VAL A 305 23.49 6.01 1.71
CA VAL A 305 23.29 4.56 1.66
C VAL A 305 23.30 4.08 0.20
N ASP A 306 23.28 2.76 0.03
CA ASP A 306 23.25 2.20 -1.32
C ASP A 306 21.78 1.79 -1.62
N LEU A 307 21.25 2.21 -2.76
CA LEU A 307 19.89 1.93 -3.15
C LEU A 307 19.50 0.48 -2.97
N LYS A 308 20.15 -0.42 -3.71
CA LYS A 308 19.86 -1.84 -3.65
C LYS A 308 19.95 -2.39 -2.24
N THR A 309 21.03 -2.06 -1.52
CA THR A 309 21.22 -2.55 -0.17
C THR A 309 20.13 -2.12 0.78
N ILE A 310 19.89 -0.82 0.87
CA ILE A 310 18.86 -0.31 1.77
C ILE A 310 17.48 -0.77 1.35
N ALA A 311 17.27 -0.95 0.04
CA ALA A 311 15.96 -1.43 -0.43
C ALA A 311 15.70 -2.84 0.09
N PHE A 312 16.75 -3.67 -0.02
CA PHE A 312 16.62 -5.05 0.46
C PHE A 312 16.44 -5.06 1.97
N GLU A 313 17.23 -4.23 2.65
CA GLU A 313 17.16 -4.15 4.11
C GLU A 313 15.77 -3.73 4.57
N SER A 314 15.25 -2.64 3.99
CA SER A 314 13.92 -2.16 4.36
C SER A 314 12.84 -3.17 4.03
N HIS A 315 12.90 -3.75 2.83
CA HIS A 315 11.89 -4.72 2.46
C HIS A 315 11.98 -5.99 3.26
N GLN A 316 13.20 -6.40 3.63
CA GLN A 316 13.30 -7.62 4.45
C GLN A 316 12.74 -7.31 5.85
N GLY A 317 12.82 -6.04 6.21
CA GLY A 317 12.33 -5.60 7.50
C GLY A 317 10.82 -5.80 7.60
N PHE A 318 10.12 -5.58 6.49
CA PHE A 318 8.67 -5.76 6.49
C PHE A 318 8.34 -7.24 6.79
N LEU A 319 9.07 -8.14 6.13
CA LEU A 319 8.87 -9.57 6.32
C LEU A 319 9.19 -9.97 7.76
N ARG A 320 10.23 -9.36 8.31
CA ARG A 320 10.62 -9.67 9.69
C ARG A 320 9.52 -9.24 10.66
N ALA A 321 8.91 -8.09 10.39
CA ALA A 321 7.85 -7.56 11.22
C ALA A 321 6.55 -8.33 11.07
N GLY A 322 6.51 -9.29 10.14
CA GLY A 322 5.32 -10.07 9.95
C GLY A 322 4.55 -10.00 8.64
N ALA A 323 4.89 -9.06 7.77
CA ALA A 323 4.18 -8.93 6.50
C ALA A 323 4.54 -10.06 5.54
N ARG A 324 3.60 -10.38 4.65
CA ARG A 324 3.82 -11.42 3.65
C ARG A 324 3.54 -10.91 2.24
N LEU A 325 3.17 -9.64 2.18
CA LEU A 325 2.86 -8.94 0.94
C LEU A 325 3.49 -7.54 0.97
N ILE A 326 3.86 -6.98 -0.18
CA ILE A 326 4.45 -5.66 -0.14
C ILE A 326 4.07 -4.79 -1.32
N ILE A 327 3.44 -3.66 -1.02
CA ILE A 327 3.10 -2.72 -2.12
C ILE A 327 4.29 -1.73 -2.19
N THR A 328 5.06 -1.80 -3.26
CA THR A 328 6.23 -0.90 -3.33
C THR A 328 6.49 -0.42 -4.75
N TYR A 329 7.04 0.79 -4.82
CA TYR A 329 7.38 1.42 -6.09
C TYR A 329 8.68 0.81 -6.63
N LEU A 330 9.33 0.01 -5.80
CA LEU A 330 10.58 -0.64 -6.16
C LEU A 330 10.34 -2.01 -6.79
N ALA A 331 9.08 -2.33 -7.07
CA ALA A 331 8.71 -3.61 -7.67
C ALA A 331 9.52 -3.92 -8.91
N PRO A 332 9.62 -2.95 -9.83
CA PRO A 332 10.39 -3.17 -11.06
C PRO A 332 11.83 -3.59 -10.77
N GLU A 333 12.43 -2.93 -9.78
CA GLU A 333 13.81 -3.25 -9.41
C GLU A 333 13.91 -4.66 -8.82
N PHE A 334 13.01 -4.98 -7.91
CA PHE A 334 13.01 -6.28 -7.27
C PHE A 334 12.78 -7.41 -8.25
N LEU A 335 11.99 -7.17 -9.29
CA LEU A 335 11.73 -8.21 -10.29
C LEU A 335 13.03 -8.61 -10.98
N ASP A 336 14.01 -7.73 -10.89
CA ASP A 336 15.33 -7.94 -11.48
C ASP A 336 16.29 -8.54 -10.43
N TRP A 337 16.41 -7.83 -9.32
CA TRP A 337 17.26 -8.21 -8.20
C TRP A 337 17.00 -9.62 -7.71
N LEU A 338 15.73 -10.00 -7.58
CA LEU A 338 15.37 -11.32 -7.11
C LEU A 338 15.79 -12.42 -8.07
N ASP A 339 16.17 -12.05 -9.29
CA ASP A 339 16.61 -13.04 -10.28
C ASP A 339 18.04 -13.50 -9.98
N GLU A 340 18.86 -12.55 -9.54
CA GLU A 340 20.26 -12.79 -9.21
C GLU A 340 20.41 -13.34 -7.80
#